data_3FUM
#
_entry.id   3FUM
#
_cell.length_a   78.254
_cell.length_b   87.265
_cell.length_c   99.287
_cell.angle_alpha   90.00
_cell.angle_beta   90.00
_cell.angle_gamma   90.00
#
_symmetry.space_group_name_H-M   'P 21 21 21'
#
loop_
_entity.id
_entity.type
_entity.pdbx_description
1 polymer 'Leukotriene A-4 hydrolase'
2 non-polymer 'ZINC ION'
3 non-polymer 'YTTERBIUM (III) ION'
4 non-polymer (R)-pyridin-4-yl[4-(2-pyrrolidin-1-ylethoxy)phenyl]methanol
5 non-polymer 'ACETATE ION'
6 non-polymer IMIDAZOLE
7 water water
#
_entity_poly.entity_id   1
_entity_poly.type   'polypeptide(L)'
_entity_poly.pdbx_seq_one_letter_code
;MPEIVDTCSLASPASVCRTKHLHLRCSVDFTRRTLTGTAALTVQSQEDNLRSLVLDTKDLTIEKVVINGQEVKYALGERQ
SYKGSPMEISLPIALSKNQEIVIEISFETSPKSSALQWLTPEQTSGKEHPYLFSQCQAIHCRAILPCQDTPSVKLTYTAE
VSVPKELVALMSAIRDGETPDPEDPSRKIYKFIQKVPIPCYLIALVVGALESRQIGPRTLVWSEKEQVEKSAYEFSETES
MLKIAEDLGGPYVWGQYDLLVLPPSFPYGGMENPCLTFVTPTLLAGDKSLSNVIAHEISHSWTGNLVTNKTWDHFWLNEG
HTVYLERHICGRLFGEKFRHFNALGGWGELQNSVKTFGETHPFTKLVVDLTDIDPDVAYSSVPYEKGFALLFYLEQLLGG
PEIFLGFLKAYVEKFSYKSITTDDWKDFLYSYFKDKVDVLNQVDWNAWLYSPGLPPIKPNYDMTLTNACIALSQRWITAK
EDDLNSFNATDLKDLSSHQLNEFLAQTLQRAPLPLGHIKRMQEVYNFNAINNSEIRFRWLRLCIQSKWEDAIPLALKMAT
EQGRMKFTRPLFKDLAAFDKSHDQAVRTYQEHKASMHPVTAMLVGKDLKVD
;
_entity_poly.pdbx_strand_id   A
#
loop_
_chem_comp.id
_chem_comp.type
_chem_comp.name
_chem_comp.formula
80A non-polymer (R)-pyridin-4-yl[4-(2-pyrrolidin-1-ylethoxy)phenyl]methanol 'C18 H22 N2 O2'
ACT non-polymer 'ACETATE ION' 'C2 H3 O2 -1'
IMD non-polymer IMIDAZOLE 'C3 H5 N2 1'
YB non-polymer 'YTTERBIUM (III) ION' 'Yb 3'
ZN non-polymer 'ZINC ION' 'Zn 2'
#
# COMPACT_ATOMS: atom_id res chain seq x y z
N ASP A 6 -7.72 15.30 12.94
CA ASP A 6 -6.75 14.64 12.00
C ASP A 6 -5.60 15.63 11.79
N THR A 7 -4.49 15.33 12.48
CA THR A 7 -3.32 16.22 12.47
C THR A 7 -2.52 16.20 11.16
N CYS A 8 -2.92 15.38 10.18
CA CYS A 8 -2.23 15.34 8.86
C CYS A 8 -2.99 16.19 7.83
N SER A 9 -4.10 16.76 8.24
CA SER A 9 -4.99 17.48 7.32
C SER A 9 -5.12 18.91 7.77
N LEU A 10 -5.17 19.80 6.80
CA LEU A 10 -5.43 21.21 7.05
C LEU A 10 -6.88 21.57 6.73
N ALA A 11 -7.69 20.62 6.24
CA ALA A 11 -9.07 20.93 5.89
C ALA A 11 -9.93 21.13 7.13
N SER A 12 -11.14 21.69 6.96
CA SER A 12 -12.11 21.79 8.04
C SER A 12 -12.47 20.33 8.40
N PRO A 13 -12.48 20.00 9.71
CA PRO A 13 -12.81 18.62 10.12
C PRO A 13 -14.28 18.23 9.91
N ALA A 14 -14.55 16.92 10.02
CA ALA A 14 -15.87 16.36 9.76
C ALA A 14 -16.92 16.96 10.68
N SER A 15 -16.48 17.42 11.83
CA SER A 15 -17.39 18.01 12.81
C SER A 15 -17.93 19.37 12.33
N VAL A 16 -17.23 19.97 11.37
CA VAL A 16 -17.59 21.26 10.73
C VAL A 16 -18.43 21.10 9.41
N CYS A 17 -17.91 20.29 8.49
CA CYS A 17 -18.56 20.02 7.21
C CYS A 17 -18.06 18.70 6.57
N ARG A 18 -18.86 18.13 5.68
CA ARG A 18 -18.61 16.82 5.12
C ARG A 18 -18.80 16.83 3.64
N THR A 19 -17.77 16.40 2.95
CA THR A 19 -17.96 16.08 1.54
C THR A 19 -18.75 14.76 1.36
N LYS A 20 -19.87 14.85 0.63
CA LYS A 20 -20.76 13.75 0.33
C LYS A 20 -20.46 13.16 -1.04
N HIS A 21 -19.92 13.99 -1.94
CA HIS A 21 -19.77 13.63 -3.38
C HIS A 21 -18.73 14.49 -4.05
N LEU A 22 -18.06 13.91 -5.05
CA LEU A 22 -17.14 14.61 -5.91
C LEU A 22 -17.54 14.34 -7.33
N HIS A 23 -17.73 15.37 -8.12
CA HIS A 23 -17.78 15.09 -9.54
C HIS A 23 -16.53 15.67 -10.17
N LEU A 24 -15.69 14.80 -10.74
CA LEU A 24 -14.44 15.22 -11.32
C LEU A 24 -14.53 15.20 -12.85
N ARG A 25 -14.31 16.35 -13.46
CA ARG A 25 -14.18 16.43 -14.91
C ARG A 25 -12.77 16.91 -15.14
N CYS A 26 -11.92 16.09 -15.76
CA CYS A 26 -10.51 16.49 -15.99
C CYS A 26 -9.99 15.97 -17.31
N SER A 27 -8.88 16.52 -17.79
CA SER A 27 -8.25 16.07 -18.99
C SER A 27 -6.78 15.83 -18.63
N VAL A 28 -6.19 14.74 -19.12
CA VAL A 28 -4.82 14.35 -18.78
C VAL A 28 -3.90 14.90 -19.87
N ASP A 29 -3.04 15.86 -19.53
CA ASP A 29 -2.14 16.44 -20.55
C ASP A 29 -0.72 15.88 -20.47
N PHE A 30 -0.37 14.94 -21.34
CA PHE A 30 0.96 14.34 -21.29
C PHE A 30 2.08 15.30 -21.75
N THR A 31 1.74 16.30 -22.57
CA THR A 31 2.72 17.29 -23.06
C THR A 31 3.16 18.17 -21.90
N ARG A 32 2.24 18.55 -21.03
CA ARG A 32 2.61 19.43 -19.91
C ARG A 32 2.70 18.67 -18.60
N ARG A 33 2.42 17.38 -18.66
CA ARG A 33 2.30 16.55 -17.44
C ARG A 33 1.37 17.15 -16.38
N THR A 34 0.20 17.60 -16.82
CA THR A 34 -0.76 18.15 -15.88
C THR A 34 -2.08 17.47 -16.09
N LEU A 35 -2.86 17.47 -15.01
CA LEU A 35 -4.25 17.10 -15.09
C LEU A 35 -4.97 18.42 -14.84
N THR A 36 -6.00 18.71 -15.64
CA THR A 36 -6.67 20.03 -15.56
C THR A 36 -8.17 19.81 -15.49
N GLY A 37 -8.88 20.59 -14.68
CA GLY A 37 -10.32 20.54 -14.80
C GLY A 37 -11.03 21.05 -13.58
N THR A 38 -12.15 20.40 -13.25
CA THR A 38 -13.00 20.87 -12.18
C THR A 38 -13.30 19.75 -11.21
N ALA A 39 -13.24 20.07 -9.93
CA ALA A 39 -13.69 19.17 -8.85
C ALA A 39 -14.94 19.85 -8.31
N ALA A 40 -16.13 19.33 -8.57
CA ALA A 40 -17.31 19.80 -7.87
C ALA A 40 -17.59 18.99 -6.62
N LEU A 41 -17.32 19.58 -5.47
CA LEU A 41 -17.57 18.94 -4.20
C LEU A 41 -18.96 19.31 -3.65
N THR A 42 -19.80 18.29 -3.49
CA THR A 42 -21.09 18.51 -2.81
C THR A 42 -20.73 18.42 -1.37
N VAL A 43 -20.93 19.51 -0.65
CA VAL A 43 -20.52 19.59 0.75
C VAL A 43 -21.75 19.87 1.60
N GLN A 44 -21.85 19.15 2.71
CA GLN A 44 -22.91 19.35 3.66
C GLN A 44 -22.42 20.07 4.95
N SER A 45 -23.10 21.13 5.37
CA SER A 45 -22.63 21.78 6.62
C SER A 45 -23.00 20.97 7.85
N GLN A 46 -22.15 21.02 8.88
CA GLN A 46 -22.46 20.32 10.11
C GLN A 46 -22.68 21.32 11.23
N GLU A 47 -22.50 22.60 10.90
CA GLU A 47 -22.59 23.69 11.85
C GLU A 47 -23.69 24.67 11.40
N ASP A 48 -24.36 25.26 12.38
CA ASP A 48 -25.13 26.47 12.13
C ASP A 48 -24.30 27.59 11.54
N ASN A 49 -24.93 28.48 10.77
CA ASN A 49 -24.28 29.72 10.31
C ASN A 49 -22.89 29.56 9.69
N LEU A 50 -22.71 28.50 8.91
CA LEU A 50 -21.37 28.23 8.34
C LEU A 50 -21.07 29.19 7.18
N ARG A 51 -19.98 29.95 7.24
CA ARG A 51 -19.60 30.94 6.20
C ARG A 51 -18.28 30.71 5.48
N SER A 52 -17.44 29.81 6.00
CA SER A 52 -16.27 29.42 5.27
C SER A 52 -15.91 28.01 5.59
N LEU A 53 -15.14 27.40 4.70
CA LEU A 53 -14.47 26.14 5.02
C LEU A 53 -13.09 26.04 4.37
N VAL A 54 -12.29 25.11 4.87
CA VAL A 54 -10.93 24.97 4.38
C VAL A 54 -10.72 23.57 3.79
N LEU A 55 -9.92 23.54 2.73
CA LEU A 55 -9.62 22.34 1.99
C LEU A 55 -8.11 22.12 1.92
N ASP A 56 -7.72 20.86 1.81
CA ASP A 56 -6.31 20.53 1.58
C ASP A 56 -6.02 20.73 0.10
N THR A 57 -4.86 21.31 -0.18
CA THR A 57 -4.30 21.28 -1.52
C THR A 57 -2.80 21.03 -1.37
N LYS A 58 -2.16 20.62 -2.45
CA LYS A 58 -0.70 20.53 -2.44
C LYS A 58 -0.22 20.72 -3.88
N ASP A 59 0.54 21.78 -4.12
CA ASP A 59 1.07 22.06 -5.46
C ASP A 59 0.00 22.17 -6.51
N LEU A 60 -1.16 22.69 -6.14
CA LEU A 60 -2.24 22.88 -7.14
C LEU A 60 -2.28 24.32 -7.57
N THR A 61 -2.73 24.55 -8.79
CA THR A 61 -2.91 25.89 -9.29
C THR A 61 -4.42 26.06 -9.41
N ILE A 62 -4.98 26.92 -8.55
CA ILE A 62 -6.41 27.21 -8.55
C ILE A 62 -6.72 28.35 -9.51
N GLU A 63 -7.58 28.08 -10.48
CA GLU A 63 -8.01 29.10 -11.42
C GLU A 63 -9.17 29.89 -10.82
N LYS A 64 -10.19 29.19 -10.32
CA LYS A 64 -11.37 29.85 -9.75
C LYS A 64 -12.26 28.86 -8.97
N VAL A 65 -13.14 29.43 -8.15
CA VAL A 65 -14.11 28.66 -7.40
C VAL A 65 -15.52 29.23 -7.63
N VAL A 66 -16.45 28.37 -8.00
CA VAL A 66 -17.80 28.75 -8.40
C VAL A 66 -18.84 28.05 -7.53
N ILE A 67 -19.71 28.84 -6.91
CA ILE A 67 -20.87 28.36 -6.15
C ILE A 67 -22.11 29.12 -6.65
N ASN A 68 -23.22 28.42 -6.89
CA ASN A 68 -24.41 29.02 -7.50
C ASN A 68 -24.12 29.87 -8.73
N GLY A 69 -23.26 29.38 -9.63
CA GLY A 69 -22.96 30.07 -10.87
C GLY A 69 -22.11 31.33 -10.77
N GLN A 70 -21.71 31.75 -9.56
CA GLN A 70 -20.78 32.92 -9.42
C GLN A 70 -19.43 32.52 -8.88
N GLU A 71 -18.40 33.27 -9.27
CA GLU A 71 -17.08 33.15 -8.66
C GLU A 71 -17.02 33.76 -7.26
N VAL A 72 -16.38 33.05 -6.33
CA VAL A 72 -16.38 33.43 -4.94
C VAL A 72 -14.93 33.62 -4.53
N LYS A 73 -14.72 34.34 -3.43
CA LYS A 73 -13.40 34.56 -2.85
C LYS A 73 -12.82 33.29 -2.16
N TYR A 74 -11.53 33.09 -2.34
CA TYR A 74 -10.81 32.01 -1.70
C TYR A 74 -9.38 32.47 -1.48
N ALA A 75 -8.69 31.85 -0.53
CA ALA A 75 -7.28 32.16 -0.31
C ALA A 75 -6.47 30.89 -0.02
N LEU A 76 -5.23 30.89 -0.50
CA LEU A 76 -4.29 29.81 -0.26
C LEU A 76 -3.29 30.26 0.82
N GLY A 77 -3.18 29.49 1.88
CA GLY A 77 -2.25 29.83 2.94
C GLY A 77 -0.82 29.44 2.60
N GLU A 78 0.08 29.62 3.56
CA GLU A 78 1.49 29.30 3.38
C GLU A 78 1.60 27.80 3.24
N ARG A 79 2.56 27.32 2.45
CA ARG A 79 2.80 25.90 2.42
C ARG A 79 3.27 25.44 3.78
N GLN A 80 2.72 24.32 4.26
CA GLN A 80 3.20 23.68 5.49
C GLN A 80 3.83 22.36 5.13
N SER A 81 4.99 22.43 4.50
CA SER A 81 5.77 21.26 4.16
C SER A 81 4.95 20.19 3.41
N TYR A 82 5.18 18.92 3.75
CA TYR A 82 4.53 17.75 3.13
C TYR A 82 3.00 17.78 3.18
N LYS A 83 2.42 18.65 4.00
CA LYS A 83 0.96 18.79 4.08
C LYS A 83 0.34 19.68 3.02
N GLY A 84 1.17 20.48 2.36
CA GLY A 84 0.68 21.37 1.32
C GLY A 84 0.21 22.71 1.88
N SER A 85 -0.65 23.37 1.12
CA SER A 85 -1.21 24.66 1.50
C SER A 85 -2.72 24.54 1.68
N PRO A 86 -3.25 25.13 2.78
CA PRO A 86 -4.71 25.14 3.01
C PRO A 86 -5.44 26.16 2.12
N MET A 87 -6.65 25.82 1.70
CA MET A 87 -7.45 26.64 0.80
C MET A 87 -8.78 27.02 1.48
N GLU A 88 -8.85 28.27 1.96
CA GLU A 88 -10.03 28.80 2.63
C GLU A 88 -10.95 29.37 1.56
N ILE A 89 -12.18 28.83 1.49
CA ILE A 89 -13.21 29.32 0.56
C ILE A 89 -14.30 30.11 1.32
N SER A 90 -14.65 31.31 0.81
CA SER A 90 -15.67 32.19 1.45
C SER A 90 -16.99 31.94 0.77
N LEU A 91 -17.93 31.31 1.50
CA LEU A 91 -19.27 30.98 0.96
C LEU A 91 -20.13 32.23 0.73
N PRO A 92 -20.83 32.34 -0.39
CA PRO A 92 -21.65 33.53 -0.67
C PRO A 92 -22.91 33.69 0.21
N ILE A 93 -23.31 32.63 0.92
CA ILE A 93 -24.47 32.66 1.82
C ILE A 93 -24.21 31.66 2.97
N ALA A 94 -24.43 32.11 4.21
CA ALA A 94 -24.32 31.27 5.40
C ALA A 94 -25.23 30.04 5.34
N LEU A 95 -24.72 28.91 5.84
CA LEU A 95 -25.43 27.67 5.73
C LEU A 95 -25.90 27.28 7.11
N SER A 96 -27.07 26.63 7.17
CA SER A 96 -27.51 26.08 8.41
C SER A 96 -27.06 24.63 8.48
N LYS A 97 -27.16 24.06 9.66
CA LYS A 97 -26.75 22.69 9.85
C LYS A 97 -27.49 21.78 8.87
N ASN A 98 -26.77 20.83 8.30
CA ASN A 98 -27.28 19.86 7.30
C ASN A 98 -27.56 20.42 5.92
N GLN A 99 -27.35 21.73 5.69
CA GLN A 99 -27.58 22.26 4.36
C GLN A 99 -26.47 21.82 3.45
N GLU A 100 -26.77 21.46 2.21
CA GLU A 100 -25.73 21.02 1.29
C GLU A 100 -25.57 21.99 0.14
N ILE A 101 -24.35 22.18 -0.34
CA ILE A 101 -24.16 23.00 -1.54
C ILE A 101 -23.07 22.38 -2.41
N VAL A 102 -23.10 22.69 -3.69
CA VAL A 102 -22.02 22.27 -4.55
C VAL A 102 -20.98 23.36 -4.75
N ILE A 103 -19.71 23.07 -4.48
CA ILE A 103 -18.63 24.02 -4.77
C ILE A 103 -17.76 23.50 -5.95
N GLU A 104 -17.70 24.29 -7.02
CA GLU A 104 -16.94 23.91 -8.18
C GLU A 104 -15.57 24.57 -8.27
N ILE A 105 -14.50 23.77 -8.19
CA ILE A 105 -13.16 24.31 -8.24
C ILE A 105 -12.44 23.95 -9.50
N SER A 106 -12.07 24.99 -10.26
CA SER A 106 -11.20 24.84 -11.42
C SER A 106 -9.72 24.82 -10.98
N PHE A 107 -9.02 23.75 -11.29
CA PHE A 107 -7.64 23.59 -10.78
C PHE A 107 -6.76 22.98 -11.88
N GLU A 108 -5.45 22.99 -11.64
CA GLU A 108 -4.51 22.26 -12.46
C GLU A 108 -3.42 21.71 -11.54
N THR A 109 -2.95 20.48 -11.81
CA THR A 109 -1.89 19.86 -10.99
C THR A 109 -0.50 20.30 -11.47
N SER A 110 0.51 20.12 -10.62
CA SER A 110 1.92 20.33 -11.03
C SER A 110 2.51 19.04 -11.63
N PRO A 111 3.52 19.18 -12.55
CA PRO A 111 4.21 17.96 -13.02
C PRO A 111 4.80 17.21 -11.85
N LYS A 112 5.13 17.91 -10.76
CA LYS A 112 5.77 17.25 -9.65
C LYS A 112 4.82 16.78 -8.51
N SER A 113 3.51 16.80 -8.78
CA SER A 113 2.54 16.16 -7.89
C SER A 113 3.09 14.87 -7.25
N SER A 114 3.10 14.82 -5.92
CA SER A 114 3.61 13.69 -5.18
C SER A 114 2.65 12.49 -5.32
N ALA A 115 1.45 12.72 -5.85
CA ALA A 115 0.48 11.62 -6.04
C ALA A 115 0.66 10.96 -7.39
N LEU A 116 1.45 11.55 -8.27
CA LEU A 116 1.50 11.07 -9.64
C LEU A 116 2.89 10.59 -10.11
N GLN A 117 2.92 9.57 -10.96
CA GLN A 117 4.12 9.33 -11.72
C GLN A 117 3.75 9.30 -13.18
N TRP A 118 4.44 10.16 -13.95
CA TRP A 118 4.30 10.33 -15.40
C TRP A 118 5.48 9.60 -16.04
N LEU A 119 5.22 8.70 -16.98
CA LEU A 119 6.30 7.93 -17.58
C LEU A 119 6.30 8.16 -19.06
N THR A 120 7.50 8.27 -19.61
CA THR A 120 7.72 8.44 -21.02
C THR A 120 7.40 7.12 -21.71
N PRO A 121 7.31 7.12 -23.05
CA PRO A 121 7.16 5.87 -23.78
C PRO A 121 8.24 4.83 -23.43
N GLU A 122 9.48 5.28 -23.26
CA GLU A 122 10.56 4.31 -23.03
C GLU A 122 10.56 3.67 -21.65
N GLN A 123 9.79 4.22 -20.71
CA GLN A 123 9.67 3.67 -19.34
C GLN A 123 8.54 2.66 -19.21
N THR A 124 7.86 2.40 -20.32
CA THR A 124 6.78 1.42 -20.43
C THR A 124 7.21 0.16 -21.21
N SER A 125 6.32 -0.84 -21.30
CA SER A 125 6.58 -2.10 -21.99
C SER A 125 6.62 -1.95 -23.50
N GLY A 126 5.69 -1.14 -24.02
CA GLY A 126 5.37 -1.09 -25.45
C GLY A 126 6.24 -0.12 -26.20
N LYS A 127 6.74 0.88 -25.48
CA LYS A 127 7.72 1.83 -25.99
C LYS A 127 7.16 2.79 -27.03
N GLU A 128 5.83 2.86 -27.13
CA GLU A 128 5.23 3.85 -28.05
C GLU A 128 4.44 4.90 -27.31
N HIS A 129 3.81 4.53 -26.19
CA HIS A 129 2.95 5.47 -25.46
C HIS A 129 3.40 5.79 -24.04
N PRO A 130 3.11 7.03 -23.58
CA PRO A 130 3.36 7.35 -22.18
C PRO A 130 2.26 6.73 -21.28
N TYR A 131 2.41 6.88 -19.95
CA TYR A 131 1.60 6.22 -18.97
C TYR A 131 1.54 7.14 -17.75
N LEU A 132 0.41 7.13 -17.06
CA LEU A 132 0.23 7.93 -15.85
C LEU A 132 -0.41 6.98 -14.84
N PHE A 133 0.04 7.04 -13.59
CA PHE A 133 -0.70 6.33 -12.55
C PHE A 133 -0.67 7.15 -11.27
N SER A 134 -1.70 7.00 -10.45
CA SER A 134 -1.71 7.74 -9.16
C SER A 134 -1.51 6.83 -7.94
N GLN A 135 -1.16 7.46 -6.82
CA GLN A 135 -1.14 6.77 -5.55
C GLN A 135 -1.40 7.75 -4.40
N CYS A 136 -2.63 7.71 -3.88
CA CYS A 136 -3.11 8.73 -2.94
C CYS A 136 -2.81 8.50 -1.48
N GLN A 137 -2.71 7.25 -1.07
CA GLN A 137 -2.49 6.92 0.33
C GLN A 137 -1.05 7.35 0.71
N ALA A 138 -0.86 8.06 1.82
CA ALA A 138 -1.91 8.40 2.75
C ALA A 138 -2.56 9.75 2.41
N ILE A 139 -1.73 10.77 2.19
CA ILE A 139 -2.20 12.15 2.08
C ILE A 139 -1.74 12.84 0.77
N HIS A 140 -1.91 12.14 -0.35
CA HIS A 140 -1.49 12.65 -1.64
C HIS A 140 -2.66 12.97 -2.52
N CYS A 141 -3.88 12.67 -2.07
CA CYS A 141 -5.01 13.05 -2.89
C CYS A 141 -5.06 14.57 -3.07
N ARG A 142 -4.61 15.31 -2.07
CA ARG A 142 -4.61 16.80 -2.10
C ARG A 142 -3.68 17.34 -3.18
N ALA A 143 -2.79 16.47 -3.69
CA ALA A 143 -1.82 16.81 -4.76
C ALA A 143 -2.41 16.53 -6.14
N ILE A 144 -3.65 16.06 -6.15
CA ILE A 144 -4.40 15.85 -7.39
C ILE A 144 -5.55 16.85 -7.49
N LEU A 145 -6.31 17.03 -6.40
CA LEU A 145 -7.46 17.92 -6.40
C LEU A 145 -7.70 18.51 -4.99
N PRO A 146 -8.39 19.66 -4.89
CA PRO A 146 -8.68 20.15 -3.54
C PRO A 146 -9.78 19.33 -2.81
N CYS A 147 -9.53 18.92 -1.58
CA CYS A 147 -10.47 18.02 -0.89
C CYS A 147 -10.19 18.13 0.59
N GLN A 148 -11.10 17.61 1.41
CA GLN A 148 -10.83 17.36 2.80
C GLN A 148 -10.12 16.00 2.92
N ASP A 149 -8.78 16.07 2.98
CA ASP A 149 -7.92 14.91 2.69
C ASP A 149 -7.59 14.16 3.97
N THR A 150 -8.61 13.45 4.45
CA THR A 150 -8.65 12.82 5.75
C THR A 150 -9.57 11.62 5.54
N PRO A 151 -9.18 10.45 6.07
CA PRO A 151 -10.00 9.19 5.96
C PRO A 151 -11.26 9.18 6.87
N SER A 152 -11.44 10.27 7.61
CA SER A 152 -12.54 10.51 8.49
C SER A 152 -13.77 10.98 7.78
N VAL A 153 -13.64 11.19 6.47
CA VAL A 153 -14.71 11.66 5.60
C VAL A 153 -14.74 10.69 4.40
N LYS A 154 -15.97 10.29 4.03
CA LYS A 154 -16.29 9.30 3.04
C LYS A 154 -17.29 9.91 2.08
N LEU A 155 -17.04 9.75 0.79
CA LEU A 155 -17.86 10.40 -0.23
C LEU A 155 -18.01 9.40 -1.36
N THR A 156 -19.06 9.52 -2.15
CA THR A 156 -19.18 8.79 -3.40
C THR A 156 -18.57 9.70 -4.50
N TYR A 157 -18.40 9.19 -5.71
CA TYR A 157 -17.86 10.06 -6.74
C TYR A 157 -18.19 9.57 -8.12
N THR A 158 -18.05 10.49 -9.07
CA THR A 158 -18.26 10.18 -10.47
C THR A 158 -17.19 11.02 -11.13
N ALA A 159 -16.72 10.58 -12.30
CA ALA A 159 -15.66 11.27 -13.02
C ALA A 159 -15.77 11.08 -14.56
N GLU A 160 -15.21 12.04 -15.28
CA GLU A 160 -15.17 12.06 -16.72
C GLU A 160 -13.74 12.50 -17.03
N VAL A 161 -13.01 11.66 -17.75
CA VAL A 161 -11.57 11.84 -17.92
C VAL A 161 -11.20 11.89 -19.39
N SER A 162 -10.76 13.04 -19.88
CA SER A 162 -10.38 13.10 -21.30
C SER A 162 -8.90 12.71 -21.47
N VAL A 163 -8.61 11.82 -22.42
CA VAL A 163 -7.27 11.24 -22.64
C VAL A 163 -7.02 11.08 -24.13
N PRO A 164 -5.73 11.12 -24.56
CA PRO A 164 -5.43 10.74 -25.94
C PRO A 164 -6.25 9.49 -26.33
N LYS A 165 -6.92 9.54 -27.48
CA LYS A 165 -7.90 8.52 -27.83
C LYS A 165 -7.32 7.12 -27.97
N GLU A 166 -6.00 7.03 -28.16
CA GLU A 166 -5.38 5.71 -28.26
C GLU A 166 -5.01 5.09 -26.91
N LEU A 167 -5.24 5.82 -25.82
CA LEU A 167 -5.01 5.34 -24.45
C LEU A 167 -6.31 5.00 -23.72
N VAL A 168 -6.15 4.37 -22.56
CA VAL A 168 -7.30 3.96 -21.76
C VAL A 168 -7.18 4.58 -20.39
N ALA A 169 -8.30 5.14 -19.90
CA ALA A 169 -8.42 5.51 -18.49
C ALA A 169 -9.19 4.44 -17.71
N LEU A 170 -8.72 4.21 -16.49
CA LEU A 170 -9.39 3.40 -15.52
C LEU A 170 -9.26 4.09 -14.19
N MET A 171 -10.27 3.95 -13.35
CA MET A 171 -10.25 4.50 -11.98
C MET A 171 -10.76 3.44 -11.00
N SER A 172 -10.74 3.79 -9.70
CA SER A 172 -11.24 2.97 -8.58
C SER A 172 -12.74 3.13 -8.49
N ALA A 173 -13.42 2.65 -9.53
CA ALA A 173 -14.86 2.93 -9.73
C ALA A 173 -15.34 1.98 -10.80
N ILE A 174 -16.66 1.83 -10.95
CA ILE A 174 -17.27 1.04 -12.03
C ILE A 174 -17.18 1.84 -13.36
N ARG A 175 -16.69 1.21 -14.42
CA ARG A 175 -16.62 1.85 -15.71
C ARG A 175 -18.03 2.18 -16.17
N ASP A 176 -18.26 3.44 -16.51
CA ASP A 176 -19.58 3.87 -16.83
C ASP A 176 -19.72 4.33 -18.30
N GLY A 177 -18.82 3.94 -19.19
CA GLY A 177 -18.92 4.34 -20.61
C GLY A 177 -17.73 5.10 -21.17
N GLU A 178 -17.73 5.32 -22.49
CA GLU A 178 -16.62 6.09 -23.14
C GLU A 178 -17.18 6.73 -24.42
N THR A 179 -16.75 7.93 -24.77
CA THR A 179 -17.15 8.57 -26.04
C THR A 179 -16.02 9.46 -26.54
N PRO A 180 -16.04 9.84 -27.84
CA PRO A 180 -15.12 10.89 -28.28
C PRO A 180 -15.31 12.16 -27.44
N ASP A 181 -14.24 12.91 -27.24
CA ASP A 181 -14.26 14.22 -26.61
C ASP A 181 -14.77 15.27 -27.64
N PRO A 182 -15.96 15.87 -27.38
CA PRO A 182 -16.59 16.91 -28.24
C PRO A 182 -15.71 18.13 -28.45
N GLU A 183 -14.92 18.47 -27.45
CA GLU A 183 -13.96 19.55 -27.50
C GLU A 183 -12.64 19.22 -28.20
N ASP A 184 -12.43 17.98 -28.64
CA ASP A 184 -11.10 17.59 -29.18
C ASP A 184 -11.05 16.17 -29.73
N PRO A 185 -11.30 16.01 -31.03
CA PRO A 185 -11.51 14.72 -31.71
C PRO A 185 -10.33 13.73 -31.63
N SER A 186 -9.18 14.23 -31.15
CA SER A 186 -8.03 13.39 -30.95
C SER A 186 -8.09 12.72 -29.55
N ARG A 187 -9.20 12.93 -28.84
CA ARG A 187 -9.38 12.48 -27.45
C ARG A 187 -10.67 11.64 -27.18
N LYS A 188 -10.59 10.74 -26.19
CA LYS A 188 -11.75 10.01 -25.62
C LYS A 188 -12.01 10.51 -24.21
N ILE A 189 -13.30 10.61 -23.85
CA ILE A 189 -13.67 10.78 -22.46
C ILE A 189 -14.17 9.42 -21.89
N TYR A 190 -13.60 9.05 -20.75
CA TYR A 190 -13.98 7.84 -20.08
C TYR A 190 -14.75 8.24 -18.86
N LYS A 191 -15.77 7.45 -18.53
CA LYS A 191 -16.66 7.78 -17.43
C LYS A 191 -16.70 6.68 -16.37
N PHE A 192 -16.92 7.10 -15.11
CA PHE A 192 -16.71 6.29 -13.92
C PHE A 192 -17.74 6.65 -12.86
N ILE A 193 -18.14 5.66 -12.07
CA ILE A 193 -19.03 5.92 -10.93
C ILE A 193 -18.63 5.02 -9.76
N GLN A 194 -18.52 5.62 -8.58
CA GLN A 194 -18.32 4.90 -7.34
C GLN A 194 -19.48 5.30 -6.42
N LYS A 195 -20.41 4.36 -6.21
CA LYS A 195 -21.71 4.49 -5.50
C LYS A 195 -21.57 4.12 -4.01
N VAL A 196 -20.44 3.51 -3.64
CA VAL A 196 -20.06 3.26 -2.24
C VAL A 196 -19.16 4.40 -1.68
N PRO A 197 -19.57 5.03 -0.55
CA PRO A 197 -18.78 6.11 0.05
C PRO A 197 -17.40 5.59 0.43
N ILE A 198 -16.38 6.37 0.13
CA ILE A 198 -15.01 5.96 0.35
C ILE A 198 -14.24 7.18 0.88
N PRO A 199 -13.19 6.92 1.68
CA PRO A 199 -12.27 7.99 2.01
C PRO A 199 -11.50 8.40 0.72
N CYS A 200 -11.16 9.68 0.58
CA CYS A 200 -10.50 10.15 -0.64
C CYS A 200 -9.16 9.46 -0.99
N TYR A 201 -8.50 8.80 -0.03
CA TYR A 201 -7.20 8.19 -0.33
C TYR A 201 -7.35 7.00 -1.26
N LEU A 202 -8.62 6.57 -1.46
CA LEU A 202 -8.97 5.38 -2.24
C LEU A 202 -9.27 5.77 -3.72
N ILE A 203 -9.29 7.08 -3.98
CA ILE A 203 -9.41 7.64 -5.33
C ILE A 203 -8.14 7.33 -6.14
N ALA A 204 -8.30 6.80 -7.35
CA ALA A 204 -7.18 6.32 -8.18
C ALA A 204 -7.52 6.46 -9.67
N LEU A 205 -6.48 6.68 -10.47
CA LEU A 205 -6.55 6.87 -11.91
C LEU A 205 -5.30 6.25 -12.51
N VAL A 206 -5.44 5.53 -13.61
CA VAL A 206 -4.31 5.17 -14.47
C VAL A 206 -4.71 5.56 -15.94
N VAL A 207 -3.76 6.13 -16.70
CA VAL A 207 -3.96 6.27 -18.13
C VAL A 207 -2.75 5.64 -18.85
N GLY A 208 -3.02 4.75 -19.83
CA GLY A 208 -1.96 4.05 -20.55
C GLY A 208 -2.51 3.14 -21.61
N ALA A 209 -1.62 2.46 -22.35
CA ALA A 209 -2.06 1.58 -23.44
C ALA A 209 -2.35 0.26 -22.79
N LEU A 210 -3.57 0.16 -22.25
CA LEU A 210 -3.99 -0.99 -21.38
C LEU A 210 -4.88 -1.94 -22.14
N GLU A 211 -4.73 -3.23 -21.85
CA GLU A 211 -5.54 -4.30 -22.39
C GLU A 211 -5.98 -5.10 -21.21
N SER A 212 -6.97 -5.96 -21.37
CA SER A 212 -7.50 -6.75 -20.25
C SER A 212 -7.89 -8.14 -20.72
N ARG A 213 -7.83 -9.08 -19.78
CA ARG A 213 -8.29 -10.42 -20.01
C ARG A 213 -9.12 -10.84 -18.82
N GLN A 214 -10.22 -11.54 -19.07
CA GLN A 214 -11.05 -11.95 -17.96
C GLN A 214 -10.48 -13.19 -17.28
N ILE A 215 -10.41 -13.18 -15.96
CA ILE A 215 -9.82 -14.29 -15.23
C ILE A 215 -10.76 -14.88 -14.20
N GLY A 216 -11.94 -14.29 -14.01
CA GLY A 216 -12.93 -14.85 -13.11
C GLY A 216 -14.29 -14.23 -13.39
N PRO A 217 -15.37 -14.61 -12.65
CA PRO A 217 -16.70 -14.03 -12.99
C PRO A 217 -16.88 -12.53 -12.74
N ARG A 218 -16.02 -11.97 -11.88
CA ARG A 218 -16.07 -10.55 -11.59
C ARG A 218 -14.70 -9.90 -11.65
N THR A 219 -13.76 -10.49 -12.38
CA THR A 219 -12.37 -10.02 -12.36
C THR A 219 -11.75 -10.03 -13.74
N LEU A 220 -11.34 -8.87 -14.21
CA LEU A 220 -10.49 -8.76 -15.38
C LEU A 220 -9.12 -8.35 -14.85
N VAL A 221 -8.02 -8.90 -15.39
CA VAL A 221 -6.69 -8.26 -15.22
C VAL A 221 -6.45 -7.21 -16.32
N TRP A 222 -5.87 -6.08 -15.94
CA TRP A 222 -5.46 -5.04 -16.89
C TRP A 222 -3.93 -4.89 -16.85
N SER A 223 -3.28 -4.84 -18.00
CA SER A 223 -1.90 -4.30 -18.06
C SER A 223 -1.60 -3.94 -19.49
N GLU A 224 -0.38 -3.49 -19.78
CA GLU A 224 0.05 -3.44 -21.16
C GLU A 224 0.03 -4.84 -21.75
N LYS A 225 -0.11 -4.86 -23.07
CA LYS A 225 -0.18 -6.05 -23.89
C LYS A 225 0.86 -7.07 -23.47
N GLU A 226 2.13 -6.66 -23.31
CA GLU A 226 3.17 -7.64 -23.06
C GLU A 226 3.11 -8.34 -21.68
N GLN A 227 2.23 -7.85 -20.79
CA GLN A 227 2.12 -8.47 -19.46
C GLN A 227 0.85 -9.27 -19.20
N VAL A 228 -0.07 -9.26 -20.15
CA VAL A 228 -1.42 -9.75 -19.89
C VAL A 228 -1.51 -11.26 -19.69
N GLU A 229 -0.85 -12.01 -20.58
CA GLU A 229 -0.93 -13.45 -20.47
C GLU A 229 -0.29 -13.95 -19.17
N LYS A 230 0.94 -13.51 -18.90
CA LYS A 230 1.58 -13.76 -17.63
C LYS A 230 0.77 -13.39 -16.40
N SER A 231 0.18 -12.19 -16.40
CA SER A 231 -0.67 -11.75 -15.28
C SER A 231 -1.93 -12.65 -15.08
N ALA A 232 -2.57 -12.99 -16.19
CA ALA A 232 -3.79 -13.77 -16.12
C ALA A 232 -3.55 -15.10 -15.36
N TYR A 233 -2.42 -15.71 -15.68
CA TYR A 233 -2.01 -16.94 -15.03
C TYR A 233 -1.62 -16.71 -13.57
N GLU A 234 -0.77 -15.72 -13.31
CA GLU A 234 -0.28 -15.48 -11.94
C GLU A 234 -1.37 -15.26 -10.90
N PHE A 235 -2.44 -14.59 -11.33
CA PHE A 235 -3.49 -14.20 -10.41
C PHE A 235 -4.78 -15.02 -10.57
N SER A 236 -4.66 -16.21 -11.18
CA SER A 236 -5.83 -17.07 -11.45
C SER A 236 -6.55 -17.55 -10.18
N GLU A 237 -5.91 -17.49 -9.03
CA GLU A 237 -6.60 -17.90 -7.75
C GLU A 237 -7.51 -16.80 -7.19
N THR A 238 -7.60 -15.67 -7.89
CA THR A 238 -8.32 -14.47 -7.41
C THR A 238 -9.80 -14.69 -7.02
N GLU A 239 -10.62 -15.23 -7.95
CA GLU A 239 -12.00 -15.58 -7.59
C GLU A 239 -12.07 -16.48 -6.35
N SER A 240 -11.24 -17.54 -6.28
CA SER A 240 -11.37 -18.46 -5.14
C SER A 240 -11.04 -17.77 -3.80
N MET A 241 -10.09 -16.82 -3.82
CA MET A 241 -9.76 -15.98 -2.67
C MET A 241 -10.88 -15.03 -2.30
N LEU A 242 -11.50 -14.38 -3.26
CA LEU A 242 -12.70 -13.56 -2.98
C LEU A 242 -13.85 -14.31 -2.34
N LYS A 243 -14.13 -15.52 -2.83
CA LYS A 243 -15.13 -16.40 -2.20
C LYS A 243 -14.85 -16.65 -0.70
N ILE A 244 -13.58 -16.93 -0.36
CA ILE A 244 -13.13 -17.18 1.02
C ILE A 244 -13.19 -15.89 1.80
N ALA A 245 -12.77 -14.78 1.19
CA ALA A 245 -12.90 -13.46 1.82
C ALA A 245 -14.37 -13.09 2.14
N GLU A 246 -15.27 -13.42 1.20
CA GLU A 246 -16.71 -13.26 1.41
C GLU A 246 -17.34 -14.13 2.51
N ASP A 247 -16.90 -15.38 2.60
CA ASP A 247 -17.25 -16.24 3.72
C ASP A 247 -16.75 -15.68 5.07
N LEU A 248 -15.58 -15.03 5.09
CA LEU A 248 -15.02 -14.51 6.35
C LEU A 248 -15.54 -13.13 6.71
N GLY A 249 -15.82 -12.31 5.72
CA GLY A 249 -16.06 -10.90 6.02
C GLY A 249 -17.48 -10.48 5.70
N GLY A 250 -18.21 -11.34 5.01
CA GLY A 250 -19.56 -10.96 4.58
C GLY A 250 -19.48 -10.48 3.15
N PRO A 251 -20.62 -10.10 2.57
CA PRO A 251 -20.75 -9.78 1.13
C PRO A 251 -19.69 -8.82 0.59
N TYR A 252 -19.22 -9.07 -0.62
CA TYR A 252 -18.40 -8.12 -1.33
C TYR A 252 -19.39 -7.12 -1.94
N VAL A 253 -19.25 -5.82 -1.62
CA VAL A 253 -20.24 -4.79 -2.00
C VAL A 253 -19.79 -3.96 -3.20
N TRP A 254 -18.60 -4.21 -3.74
CA TRP A 254 -18.06 -3.25 -4.72
C TRP A 254 -18.34 -3.57 -6.18
N GLY A 255 -19.07 -4.65 -6.45
CA GLY A 255 -19.37 -5.03 -7.83
C GLY A 255 -18.22 -5.81 -8.47
N GLN A 256 -17.35 -5.06 -9.15
CA GLN A 256 -16.19 -5.60 -9.79
C GLN A 256 -15.02 -5.81 -8.79
N TYR A 257 -14.19 -6.84 -9.03
CA TYR A 257 -12.86 -6.89 -8.48
C TYR A 257 -11.78 -7.07 -9.58
N ASP A 258 -11.31 -5.95 -10.14
CA ASP A 258 -10.29 -6.02 -11.20
C ASP A 258 -8.90 -5.81 -10.64
N LEU A 259 -7.92 -6.28 -11.39
CA LEU A 259 -6.51 -6.16 -11.05
C LEU A 259 -5.81 -5.35 -12.13
N LEU A 260 -5.08 -4.31 -11.74
CA LEU A 260 -4.19 -3.63 -12.68
C LEU A 260 -2.76 -3.97 -12.28
N VAL A 261 -1.95 -4.36 -13.26
CA VAL A 261 -0.56 -4.66 -12.99
C VAL A 261 0.22 -3.50 -13.61
N LEU A 262 0.90 -2.75 -12.74
CA LEU A 262 1.51 -1.49 -13.13
C LEU A 262 2.88 -1.71 -13.72
N PRO A 263 3.50 -0.65 -14.25
CA PRO A 263 4.88 -0.71 -14.71
C PRO A 263 5.75 -0.91 -13.47
N PRO A 264 7.09 -1.15 -13.63
CA PRO A 264 7.85 -1.65 -12.46
C PRO A 264 8.13 -0.63 -11.34
N SER A 265 7.87 0.66 -11.59
CA SER A 265 8.16 1.68 -10.60
C SER A 265 7.04 1.90 -9.59
N PHE A 266 5.94 1.13 -9.68
CA PHE A 266 4.89 1.28 -8.72
C PHE A 266 5.55 0.96 -7.36
N PRO A 267 5.45 1.90 -6.40
CA PRO A 267 6.23 1.80 -5.14
C PRO A 267 5.82 0.71 -4.14
N TYR A 268 4.73 -0.01 -4.41
CA TYR A 268 4.18 -0.95 -3.41
C TYR A 268 3.83 -2.32 -4.00
N GLY A 269 3.74 -3.33 -3.14
CA GLY A 269 3.23 -4.63 -3.55
C GLY A 269 1.83 -4.51 -4.10
N GLY A 270 1.01 -3.70 -3.42
CA GLY A 270 -0.39 -3.52 -3.85
C GLY A 270 -1.04 -2.30 -3.23
N MET A 271 -2.14 -1.85 -3.81
CA MET A 271 -2.92 -0.74 -3.27
C MET A 271 -4.38 -1.04 -3.58
N GLU A 272 -5.17 -1.16 -2.52
CA GLU A 272 -6.53 -1.73 -2.51
C GLU A 272 -7.58 -0.75 -3.04
N ASN A 273 -7.24 -0.01 -4.09
CA ASN A 273 -8.22 0.89 -4.68
C ASN A 273 -9.49 0.12 -5.01
N PRO A 274 -10.66 0.68 -4.65
CA PRO A 274 -11.94 -0.08 -4.74
C PRO A 274 -12.31 -0.36 -6.22
N CYS A 275 -12.80 -1.58 -6.51
CA CYS A 275 -13.04 -2.03 -7.88
C CYS A 275 -11.81 -2.31 -8.75
N LEU A 276 -10.64 -1.82 -8.39
CA LEU A 276 -9.45 -1.96 -9.20
C LEU A 276 -8.21 -1.93 -8.27
N THR A 277 -7.83 -3.08 -7.76
CA THR A 277 -6.56 -3.21 -7.00
C THR A 277 -5.37 -2.96 -7.95
N PHE A 278 -4.43 -2.10 -7.50
CA PHE A 278 -3.15 -1.92 -8.22
C PHE A 278 -2.14 -2.88 -7.61
N VAL A 279 -1.33 -3.54 -8.46
CA VAL A 279 -0.23 -4.41 -8.01
C VAL A 279 1.10 -4.11 -8.74
N THR A 280 2.17 -4.46 -8.08
CA THR A 280 3.50 -4.45 -8.69
C THR A 280 3.74 -5.64 -9.65
N PRO A 281 4.44 -5.36 -10.79
CA PRO A 281 4.83 -6.46 -11.68
C PRO A 281 5.83 -7.41 -10.97
N THR A 282 6.33 -7.03 -9.81
CA THR A 282 7.32 -7.89 -9.18
C THR A 282 6.63 -9.11 -8.61
N LEU A 283 5.30 -9.16 -8.68
CA LEU A 283 4.47 -10.30 -8.22
C LEU A 283 4.53 -11.43 -9.25
N LEU A 284 4.91 -11.10 -10.49
CA LEU A 284 4.94 -12.10 -11.58
C LEU A 284 6.07 -13.09 -11.47
N ALA A 285 5.99 -14.00 -10.51
CA ALA A 285 7.05 -14.98 -10.23
C ALA A 285 7.01 -16.23 -11.16
N GLY A 286 5.97 -16.37 -11.96
CA GLY A 286 5.73 -17.52 -12.83
C GLY A 286 5.02 -18.72 -12.21
N ASP A 287 4.74 -18.68 -10.91
CA ASP A 287 4.24 -19.81 -10.22
C ASP A 287 3.19 -19.49 -9.14
N LYS A 288 2.74 -18.25 -9.05
CA LYS A 288 1.66 -17.88 -8.15
C LYS A 288 2.13 -17.77 -6.70
N SER A 289 3.45 -17.79 -6.46
CA SER A 289 3.94 -17.92 -5.09
C SER A 289 3.77 -16.66 -4.25
N LEU A 290 3.50 -15.54 -4.90
CA LEU A 290 3.44 -14.22 -4.23
C LEU A 290 1.99 -13.73 -4.14
N SER A 291 1.05 -14.69 -4.12
CA SER A 291 -0.37 -14.34 -4.22
C SER A 291 -0.96 -13.99 -2.89
N ASN A 292 -0.19 -14.15 -1.81
CA ASN A 292 -0.60 -13.59 -0.54
C ASN A 292 -0.92 -12.11 -0.68
N VAL A 293 -0.21 -11.40 -1.55
CA VAL A 293 -0.42 -9.97 -1.79
C VAL A 293 -1.79 -9.75 -2.42
N ILE A 294 -2.22 -10.63 -3.34
CA ILE A 294 -3.59 -10.52 -3.87
C ILE A 294 -4.60 -10.72 -2.73
N ALA A 295 -4.34 -11.70 -1.84
CA ALA A 295 -5.31 -12.00 -0.75
C ALA A 295 -5.38 -10.83 0.23
N HIS A 296 -4.23 -10.14 0.37
CA HIS A 296 -4.12 -8.95 1.19
C HIS A 296 -4.95 -7.83 0.57
N GLU A 297 -4.76 -7.60 -0.74
CA GLU A 297 -5.53 -6.56 -1.37
C GLU A 297 -7.05 -6.87 -1.34
N ILE A 298 -7.38 -8.13 -1.54
CA ILE A 298 -8.78 -8.56 -1.49
C ILE A 298 -9.38 -8.33 -0.12
N SER A 299 -8.63 -8.69 0.94
CA SER A 299 -9.13 -8.50 2.34
C SER A 299 -9.51 -7.05 2.66
N HIS A 300 -8.73 -6.10 2.15
CA HIS A 300 -9.03 -4.67 2.30
C HIS A 300 -10.38 -4.26 1.83
N SER A 301 -11.04 -5.09 1.02
CA SER A 301 -12.40 -4.74 0.55
C SER A 301 -13.38 -4.69 1.73
N TRP A 302 -12.91 -5.18 2.88
CA TRP A 302 -13.66 -5.11 4.15
C TRP A 302 -12.91 -4.25 5.18
N THR A 303 -11.64 -4.57 5.42
CA THR A 303 -10.84 -3.90 6.44
C THR A 303 -9.95 -2.82 5.83
N GLY A 304 -10.41 -1.58 5.89
CA GLY A 304 -9.76 -0.52 5.19
C GLY A 304 -10.78 0.20 4.33
N ASN A 305 -11.41 -0.55 3.44
CA ASN A 305 -12.36 0.04 2.52
C ASN A 305 -13.82 0.21 3.01
N LEU A 306 -14.23 -0.67 3.92
CA LEU A 306 -15.60 -0.58 4.56
C LEU A 306 -15.43 -0.03 5.95
N VAL A 307 -14.56 -0.66 6.72
CA VAL A 307 -14.20 -0.03 7.97
C VAL A 307 -12.83 0.63 7.79
N THR A 308 -12.80 1.94 7.96
CA THR A 308 -11.64 2.75 7.67
C THR A 308 -11.09 3.37 8.95
N ASN A 309 -9.76 3.52 9.04
CA ASN A 309 -9.13 4.31 10.09
C ASN A 309 -9.55 5.80 10.03
N LYS A 310 -9.84 6.41 11.18
CA LYS A 310 -10.38 7.77 11.22
C LYS A 310 -9.28 8.74 10.88
N THR A 311 -8.07 8.38 11.34
CA THR A 311 -6.85 9.14 11.04
C THR A 311 -5.74 8.17 10.89
N TRP A 312 -4.60 8.66 10.42
CA TRP A 312 -3.47 7.78 10.09
C TRP A 312 -2.72 7.28 11.33
N ASP A 313 -3.04 7.84 12.49
CA ASP A 313 -2.50 7.35 13.74
C ASP A 313 -3.05 5.96 14.01
N HIS A 314 -4.13 5.60 13.34
CA HIS A 314 -4.88 4.35 13.59
C HIS A 314 -4.80 3.36 12.44
N PHE A 315 -3.82 3.61 11.54
CA PHE A 315 -3.53 2.80 10.38
C PHE A 315 -3.47 1.34 10.72
N TRP A 316 -2.88 0.98 11.87
CA TRP A 316 -2.81 -0.45 12.25
C TRP A 316 -4.18 -1.16 12.12
N LEU A 317 -5.26 -0.41 12.26
CA LEU A 317 -6.62 -0.97 12.21
C LEU A 317 -6.83 -1.56 10.79
N ASN A 318 -6.41 -0.77 9.76
CA ASN A 318 -6.47 -1.18 8.38
C ASN A 318 -5.60 -2.38 8.23
N GLU A 319 -4.31 -2.22 8.53
CA GLU A 319 -3.29 -3.23 8.14
C GLU A 319 -3.27 -4.51 8.91
N GLY A 320 -3.43 -4.44 10.23
CA GLY A 320 -3.37 -5.64 11.03
C GLY A 320 -4.55 -6.57 10.77
N HIS A 321 -5.75 -6.02 10.71
CA HIS A 321 -6.96 -6.83 10.36
C HIS A 321 -6.86 -7.40 8.95
N THR A 322 -6.21 -6.66 8.05
CA THR A 322 -6.02 -7.14 6.66
C THR A 322 -5.01 -8.29 6.57
N VAL A 323 -3.87 -8.19 7.28
CA VAL A 323 -2.91 -9.31 7.42
C VAL A 323 -3.56 -10.52 8.11
N TYR A 324 -4.36 -10.23 9.14
CA TYR A 324 -5.11 -11.26 9.83
C TYR A 324 -6.04 -12.00 8.83
N LEU A 325 -6.83 -11.30 8.02
CA LEU A 325 -7.68 -11.95 7.00
C LEU A 325 -6.91 -12.59 5.84
N GLU A 326 -5.89 -11.89 5.32
CA GLU A 326 -4.92 -12.46 4.34
C GLU A 326 -4.39 -13.82 4.76
N ARG A 327 -3.95 -13.90 6.01
CA ARG A 327 -3.34 -15.14 6.49
C ARG A 327 -4.34 -16.28 6.63
N HIS A 328 -5.59 -15.93 6.90
CA HIS A 328 -6.72 -16.90 6.94
C HIS A 328 -7.07 -17.48 5.57
N ILE A 329 -7.10 -16.61 4.57
CA ILE A 329 -7.36 -17.02 3.19
C ILE A 329 -6.27 -18.01 2.76
N CYS A 330 -5.00 -17.64 2.98
CA CYS A 330 -3.89 -18.52 2.70
C CYS A 330 -3.92 -19.85 3.48
N GLY A 331 -4.30 -19.82 4.75
CA GLY A 331 -4.53 -21.06 5.48
C GLY A 331 -5.73 -21.92 5.01
N ARG A 332 -6.81 -21.29 4.55
CA ARG A 332 -7.89 -22.06 3.90
C ARG A 332 -7.36 -22.72 2.66
N LEU A 333 -6.69 -21.98 1.80
CA LEU A 333 -6.22 -22.54 0.54
C LEU A 333 -5.20 -23.61 0.82
N PHE A 334 -4.27 -23.34 1.74
CA PHE A 334 -3.09 -24.19 1.83
C PHE A 334 -2.87 -24.86 3.18
N GLY A 335 -3.68 -24.56 4.19
CA GLY A 335 -3.62 -25.30 5.45
C GLY A 335 -3.14 -24.49 6.62
N GLU A 336 -3.57 -24.89 7.79
CA GLU A 336 -3.32 -24.15 9.04
C GLU A 336 -1.83 -24.08 9.41
N LYS A 337 -1.04 -25.09 9.09
CA LYS A 337 0.38 -25.03 9.32
C LYS A 337 1.12 -23.95 8.45
N PHE A 338 0.60 -23.69 7.26
CA PHE A 338 1.12 -22.65 6.39
C PHE A 338 0.67 -21.27 6.97
N ARG A 339 -0.55 -21.18 7.50
CA ARG A 339 -0.96 -19.97 8.21
C ARG A 339 0.02 -19.64 9.33
N HIS A 340 0.34 -20.63 10.15
CA HIS A 340 1.32 -20.45 11.24
C HIS A 340 2.73 -20.11 10.71
N PHE A 341 3.18 -20.82 9.67
CA PHE A 341 4.46 -20.52 8.97
C PHE A 341 4.56 -19.03 8.64
N ASN A 342 3.54 -18.49 7.97
CA ASN A 342 3.52 -17.06 7.58
C ASN A 342 3.37 -16.11 8.74
N ALA A 343 2.51 -16.46 9.69
CA ALA A 343 2.38 -15.74 10.94
C ALA A 343 3.74 -15.58 11.60
N LEU A 344 4.54 -16.67 11.62
CA LEU A 344 5.83 -16.69 12.33
C LEU A 344 6.89 -15.89 11.59
N GLY A 345 6.97 -16.05 10.26
CA GLY A 345 7.81 -15.15 9.46
C GLY A 345 7.53 -13.68 9.62
N GLY A 346 6.27 -13.29 9.77
CA GLY A 346 5.92 -11.88 10.00
C GLY A 346 6.40 -11.40 11.36
N TRP A 347 6.41 -12.27 12.35
CA TRP A 347 7.06 -11.92 13.62
C TRP A 347 8.55 -11.67 13.32
N GLY A 348 9.12 -12.49 12.44
CA GLY A 348 10.50 -12.29 11.98
C GLY A 348 10.67 -10.92 11.37
N GLU A 349 9.75 -10.52 10.48
CA GLU A 349 9.77 -9.17 9.88
C GLU A 349 9.59 -8.06 10.92
N LEU A 350 8.81 -8.35 11.97
CA LEU A 350 8.63 -7.38 13.07
C LEU A 350 9.94 -7.18 13.89
N GLN A 351 10.68 -8.25 14.10
CA GLN A 351 11.95 -8.11 14.82
C GLN A 351 12.87 -7.27 13.96
N ASN A 352 12.90 -7.53 12.67
CA ASN A 352 13.71 -6.73 11.76
C ASN A 352 13.41 -5.24 11.90
N SER A 353 12.13 -4.87 11.78
CA SER A 353 11.73 -3.46 11.77
C SER A 353 12.04 -2.79 13.09
N VAL A 354 11.79 -3.49 14.20
CA VAL A 354 12.06 -2.94 15.52
C VAL A 354 13.58 -2.73 15.67
N LYS A 355 14.39 -3.71 15.25
CA LYS A 355 15.82 -3.62 15.29
C LYS A 355 16.39 -2.45 14.50
N THR A 356 15.87 -2.21 13.30
CA THR A 356 16.20 -1.05 12.44
C THR A 356 15.85 0.28 13.13
N PHE A 357 14.57 0.55 13.39
CA PHE A 357 14.17 1.79 14.04
C PHE A 357 14.82 1.98 15.40
N GLY A 358 14.96 0.88 16.12
CA GLY A 358 15.44 0.93 17.50
C GLY A 358 14.25 0.66 18.36
N GLU A 359 14.48 -0.13 19.41
CA GLU A 359 13.39 -0.63 20.25
C GLU A 359 12.59 0.40 21.07
N THR A 360 13.07 1.64 21.16
CA THR A 360 12.38 2.70 21.85
C THR A 360 11.82 3.71 20.89
N HIS A 361 12.14 3.57 19.60
CA HIS A 361 11.62 4.51 18.57
C HIS A 361 10.09 4.63 18.54
N PRO A 362 9.59 5.87 18.37
CA PRO A 362 8.13 6.11 18.32
C PRO A 362 7.40 5.47 17.13
N PHE A 363 8.06 5.27 15.99
CA PHE A 363 7.42 4.60 14.86
C PHE A 363 7.21 3.12 15.11
N THR A 364 7.68 2.62 16.27
CA THR A 364 7.51 1.18 16.62
C THR A 364 6.32 0.96 17.50
N LYS A 365 5.62 2.05 17.86
CA LYS A 365 4.33 1.98 18.51
C LYS A 365 3.18 1.48 17.59
N LEU A 366 2.19 0.80 18.17
CA LEU A 366 1.05 0.38 17.35
C LEU A 366 0.20 1.59 16.90
N VAL A 367 -0.22 2.38 17.89
CA VAL A 367 -0.85 3.67 17.66
C VAL A 367 0.27 4.69 17.68
N VAL A 368 0.45 5.38 16.59
CA VAL A 368 1.45 6.44 16.50
C VAL A 368 0.82 7.85 16.59
N ASP A 369 1.64 8.85 16.81
CA ASP A 369 1.21 10.23 16.77
C ASP A 369 1.90 10.82 15.57
N LEU A 370 1.19 11.02 14.45
CA LEU A 370 1.79 11.58 13.24
C LEU A 370 1.74 13.14 13.09
N THR A 371 1.57 13.86 14.20
CA THR A 371 1.39 15.31 14.20
C THR A 371 2.36 16.08 13.29
N ASP A 372 3.66 15.93 13.49
CA ASP A 372 4.52 16.67 12.55
C ASP A 372 5.34 15.73 11.66
N ILE A 373 4.88 14.50 11.50
CA ILE A 373 5.62 13.47 10.82
C ILE A 373 4.99 13.26 9.44
N ASP A 374 5.81 13.21 8.38
CA ASP A 374 5.31 12.83 7.04
C ASP A 374 4.96 11.33 7.09
N PRO A 375 3.69 10.93 6.83
CA PRO A 375 3.34 9.50 6.94
C PRO A 375 4.23 8.60 6.07
N ASP A 376 4.81 9.12 4.98
CA ASP A 376 5.69 8.33 4.09
C ASP A 376 7.02 8.01 4.74
N VAL A 377 7.41 8.82 5.72
CA VAL A 377 8.66 8.61 6.46
C VAL A 377 8.47 7.57 7.59
N ALA A 378 7.26 7.61 8.18
CA ALA A 378 6.85 6.72 9.27
C ALA A 378 6.46 5.29 8.83
N TYR A 379 6.11 5.11 7.56
CA TYR A 379 5.60 3.85 7.00
C TYR A 379 6.62 2.72 7.13
N SER A 380 6.14 1.54 7.57
CA SER A 380 6.95 0.34 7.76
C SER A 380 6.04 -0.87 8.05
N SER A 381 6.66 -1.96 8.50
CA SER A 381 5.99 -3.26 8.69
C SER A 381 5.31 -3.31 10.03
N VAL A 382 5.65 -2.34 10.89
CA VAL A 382 5.08 -2.31 12.23
C VAL A 382 3.54 -2.40 12.30
N PRO A 383 2.79 -1.48 11.66
CA PRO A 383 1.34 -1.56 11.76
C PRO A 383 0.75 -2.86 11.24
N TYR A 384 1.41 -3.44 10.23
CA TYR A 384 1.06 -4.75 9.66
C TYR A 384 1.35 -5.90 10.64
N GLU A 385 2.60 -6.01 11.06
CA GLU A 385 3.03 -7.15 11.88
C GLU A 385 2.72 -7.01 13.38
N LYS A 386 2.84 -5.79 13.92
CA LYS A 386 2.52 -5.67 15.34
C LYS A 386 1.00 -5.76 15.49
N GLY A 387 0.28 -5.21 14.50
CA GLY A 387 -1.18 -5.30 14.42
C GLY A 387 -1.61 -6.75 14.29
N PHE A 388 -1.05 -7.49 13.33
CA PHE A 388 -1.37 -8.89 13.21
C PHE A 388 -1.00 -9.66 14.51
N ALA A 389 0.18 -9.42 15.09
CA ALA A 389 0.55 -10.13 16.31
C ALA A 389 -0.41 -9.94 17.47
N LEU A 390 -0.96 -8.74 17.67
CA LEU A 390 -2.03 -8.49 18.64
C LEU A 390 -3.32 -9.31 18.44
N LEU A 391 -3.77 -9.37 17.18
CA LEU A 391 -4.95 -10.14 16.80
C LEU A 391 -4.76 -11.68 16.87
N PHE A 392 -3.59 -12.16 16.51
CA PHE A 392 -3.24 -13.56 16.69
C PHE A 392 -3.14 -13.92 18.19
N TYR A 393 -2.48 -13.08 18.98
CA TYR A 393 -2.47 -13.23 20.45
C TYR A 393 -3.90 -13.33 21.10
N LEU A 394 -4.76 -12.37 20.73
CA LEU A 394 -6.17 -12.34 21.11
C LEU A 394 -6.93 -13.56 20.60
N GLU A 395 -6.74 -13.93 19.33
CA GLU A 395 -7.27 -15.20 18.84
C GLU A 395 -6.97 -16.38 19.79
N GLN A 396 -5.72 -16.51 20.23
CA GLN A 396 -5.29 -17.63 21.09
C GLN A 396 -5.75 -17.48 22.55
N LEU A 397 -5.92 -16.24 22.98
CA LEU A 397 -6.43 -15.91 24.27
C LEU A 397 -7.92 -16.25 24.37
N LEU A 398 -8.66 -15.91 23.33
CA LEU A 398 -10.10 -15.86 23.37
C LEU A 398 -10.82 -17.12 22.86
N GLY A 399 -10.07 -18.15 22.50
CA GLY A 399 -10.67 -19.42 22.15
C GLY A 399 -10.36 -19.97 20.77
N GLY A 400 -9.54 -19.29 19.99
CA GLY A 400 -9.10 -19.85 18.69
C GLY A 400 -9.69 -19.13 17.46
N PRO A 401 -9.28 -19.56 16.26
CA PRO A 401 -9.64 -18.82 15.04
C PRO A 401 -11.13 -18.79 14.70
N GLU A 402 -11.87 -19.89 14.93
CA GLU A 402 -13.32 -19.91 14.64
C GLU A 402 -14.01 -18.83 15.46
N ILE A 403 -13.66 -18.81 16.74
CA ILE A 403 -14.17 -17.78 17.68
C ILE A 403 -13.77 -16.34 17.29
N PHE A 404 -12.51 -16.13 16.93
CA PHE A 404 -12.09 -14.78 16.62
C PHE A 404 -12.58 -14.30 15.25
N LEU A 405 -12.83 -15.21 14.30
CA LEU A 405 -13.36 -14.82 12.98
C LEU A 405 -14.81 -14.45 13.14
N GLY A 406 -15.49 -15.02 14.14
CA GLY A 406 -16.87 -14.62 14.52
C GLY A 406 -16.89 -13.15 14.87
N PHE A 407 -15.89 -12.71 15.65
CA PHE A 407 -15.69 -11.30 15.96
C PHE A 407 -15.30 -10.37 14.80
N LEU A 408 -14.40 -10.81 13.94
CA LEU A 408 -13.99 -9.99 12.81
C LEU A 408 -15.19 -9.74 11.91
N LYS A 409 -16.01 -10.76 11.65
CA LYS A 409 -17.19 -10.53 10.86
C LYS A 409 -18.20 -9.59 11.53
N ALA A 410 -18.36 -9.71 12.84
CA ALA A 410 -19.26 -8.83 13.58
C ALA A 410 -18.72 -7.38 13.65
N TYR A 411 -17.40 -7.25 13.62
CA TYR A 411 -16.69 -5.94 13.63
C TYR A 411 -16.86 -5.21 12.28
N VAL A 412 -16.70 -5.93 11.20
CA VAL A 412 -16.93 -5.38 9.84
C VAL A 412 -18.37 -4.90 9.66
N GLU A 413 -19.36 -5.74 9.98
CA GLU A 413 -20.80 -5.38 9.94
C GLU A 413 -21.02 -4.11 10.73
N LYS A 414 -20.54 -4.10 11.96
CA LYS A 414 -20.78 -3.00 12.88
C LYS A 414 -20.28 -1.62 12.36
N PHE A 415 -19.16 -1.62 11.65
CA PHE A 415 -18.49 -0.39 11.34
C PHE A 415 -18.34 -0.18 9.82
N SER A 416 -19.09 -0.92 9.02
CA SER A 416 -19.09 -0.71 7.58
C SER A 416 -19.55 0.69 7.26
N TYR A 417 -18.89 1.29 6.26
CA TYR A 417 -19.21 2.67 5.85
C TYR A 417 -18.88 3.69 6.95
N LYS A 418 -18.08 3.30 7.94
CA LYS A 418 -17.59 4.20 9.01
C LYS A 418 -16.05 4.35 9.02
N SER A 419 -15.55 5.35 9.73
CA SER A 419 -14.13 5.61 9.99
C SER A 419 -13.92 5.60 11.54
N ILE A 420 -13.01 4.78 12.04
CA ILE A 420 -12.98 4.55 13.47
C ILE A 420 -11.61 4.70 14.08
N THR A 421 -11.57 4.80 15.40
CA THR A 421 -10.31 4.86 16.15
C THR A 421 -10.04 3.52 16.86
N THR A 422 -8.84 3.40 17.43
CA THR A 422 -8.47 2.22 18.22
C THR A 422 -9.41 2.01 19.38
N ASP A 423 -9.84 3.10 20.03
CA ASP A 423 -10.82 3.02 21.14
C ASP A 423 -12.15 2.46 20.71
N ASP A 424 -12.64 2.93 19.56
CA ASP A 424 -13.80 2.33 18.86
C ASP A 424 -13.60 0.83 18.69
N TRP A 425 -12.46 0.42 18.17
CA TRP A 425 -12.21 -1.04 17.99
C TRP A 425 -12.26 -1.81 19.32
N LYS A 426 -11.57 -1.25 20.31
CA LYS A 426 -11.45 -1.85 21.64
C LYS A 426 -12.78 -1.89 22.43
N ASP A 427 -13.59 -0.86 22.35
CA ASP A 427 -14.89 -0.87 23.02
C ASP A 427 -15.71 -1.99 22.39
N PHE A 428 -15.73 -2.07 21.05
CA PHE A 428 -16.46 -3.16 20.41
C PHE A 428 -15.91 -4.55 20.78
N LEU A 429 -14.58 -4.71 20.84
CA LEU A 429 -14.00 -5.99 21.27
C LEU A 429 -14.51 -6.47 22.65
N TYR A 430 -14.60 -5.53 23.60
CA TYR A 430 -15.17 -5.76 24.94
C TYR A 430 -16.69 -5.99 24.92
N SER A 431 -17.39 -5.33 23.99
CA SER A 431 -18.81 -5.58 23.86
C SER A 431 -19.03 -6.98 23.33
N TYR A 432 -18.34 -7.33 22.24
CA TYR A 432 -18.45 -8.62 21.60
C TYR A 432 -18.09 -9.78 22.52
N PHE A 433 -17.07 -9.58 23.37
CA PHE A 433 -16.57 -10.66 24.23
C PHE A 433 -16.89 -10.32 25.67
N LYS A 434 -18.06 -9.73 25.94
CA LYS A 434 -18.43 -9.36 27.35
C LYS A 434 -18.35 -10.53 28.33
N ASP A 435 -18.57 -11.75 27.86
CA ASP A 435 -18.47 -12.93 28.72
C ASP A 435 -17.01 -13.39 28.89
N LYS A 436 -16.08 -12.70 28.26
CA LYS A 436 -14.66 -13.04 28.31
C LYS A 436 -13.88 -11.80 28.72
N VAL A 437 -14.50 -10.91 29.50
CA VAL A 437 -13.81 -9.68 29.88
C VAL A 437 -12.69 -9.92 30.91
N ASP A 438 -12.88 -10.90 31.78
CA ASP A 438 -11.85 -11.26 32.75
C ASP A 438 -10.55 -11.62 32.00
N VAL A 439 -10.71 -12.26 30.84
CA VAL A 439 -9.61 -12.67 30.00
C VAL A 439 -8.99 -11.47 29.27
N LEU A 440 -9.84 -10.60 28.72
CA LEU A 440 -9.42 -9.36 28.03
C LEU A 440 -8.69 -8.39 28.97
N ASN A 441 -9.04 -8.41 30.25
CA ASN A 441 -8.36 -7.57 31.25
C ASN A 441 -6.98 -8.08 31.64
N GLN A 442 -6.57 -9.22 31.12
CA GLN A 442 -5.19 -9.63 31.29
C GLN A 442 -4.24 -9.05 30.23
N VAL A 443 -4.78 -8.59 29.11
CA VAL A 443 -3.97 -7.90 28.12
C VAL A 443 -3.41 -6.62 28.70
N ASP A 444 -2.11 -6.44 28.53
CA ASP A 444 -1.46 -5.16 28.82
C ASP A 444 -1.70 -4.18 27.69
N TRP A 445 -2.86 -3.51 27.69
CA TRP A 445 -3.26 -2.63 26.57
C TRP A 445 -2.28 -1.47 26.38
N ASN A 446 -1.79 -0.93 27.48
CA ASN A 446 -0.85 0.17 27.37
C ASN A 446 0.41 -0.19 26.59
N ALA A 447 0.98 -1.35 26.90
CA ALA A 447 2.16 -1.84 26.20
C ALA A 447 1.86 -2.21 24.76
N TRP A 448 0.85 -3.05 24.56
CA TRP A 448 0.44 -3.49 23.22
C TRP A 448 0.11 -2.32 22.26
N LEU A 449 -0.58 -1.29 22.73
CA LEU A 449 -1.02 -0.18 21.87
C LEU A 449 -0.12 1.05 21.79
N TYR A 450 0.56 1.38 22.88
CA TYR A 450 1.19 2.70 23.05
C TYR A 450 2.72 2.70 23.31
N SER A 451 3.28 1.51 23.56
CA SER A 451 4.71 1.39 23.86
C SER A 451 5.50 0.98 22.61
N PRO A 452 6.79 1.40 22.55
CA PRO A 452 7.67 0.97 21.49
C PRO A 452 8.25 -0.46 21.69
N GLY A 453 8.87 -0.96 20.62
CA GLY A 453 9.55 -2.23 20.61
C GLY A 453 8.60 -3.38 20.37
N LEU A 454 9.16 -4.59 20.46
CA LEU A 454 8.45 -5.84 20.37
C LEU A 454 7.34 -5.87 21.42
N PRO A 455 6.23 -6.53 21.06
CA PRO A 455 5.07 -6.71 21.93
C PRO A 455 5.49 -7.32 23.29
N PRO A 456 4.68 -7.13 24.35
CA PRO A 456 5.11 -7.71 25.62
C PRO A 456 4.98 -9.24 25.65
N ILE A 457 4.28 -9.80 24.66
CA ILE A 457 4.02 -11.25 24.58
C ILE A 457 4.11 -11.78 23.14
N LYS A 458 4.76 -12.92 22.98
CA LYS A 458 4.82 -13.58 21.70
C LYS A 458 3.79 -14.69 21.68
N PRO A 459 2.93 -14.69 20.64
CA PRO A 459 1.98 -15.79 20.44
C PRO A 459 2.64 -17.18 20.27
N ASN A 460 1.84 -18.22 20.35
CA ASN A 460 2.31 -19.57 20.11
C ASN A 460 2.21 -19.88 18.63
N TYR A 461 3.32 -20.30 18.04
CA TYR A 461 3.33 -20.63 16.62
C TYR A 461 3.74 -22.08 16.41
N ASP A 462 2.95 -22.82 15.64
CA ASP A 462 3.37 -24.12 15.11
C ASP A 462 4.65 -23.89 14.29
N MET A 463 5.61 -24.79 14.44
CA MET A 463 6.92 -24.65 13.79
C MET A 463 7.13 -25.62 12.63
N THR A 464 6.17 -26.48 12.35
CA THR A 464 6.43 -27.60 11.46
C THR A 464 7.22 -27.22 10.21
N LEU A 465 6.72 -26.22 9.49
CA LEU A 465 7.27 -25.84 8.16
C LEU A 465 8.50 -24.93 8.28
N THR A 466 8.68 -24.32 9.43
CA THR A 466 9.78 -23.38 9.68
C THR A 466 11.03 -24.18 10.01
N ASN A 467 10.87 -25.30 10.70
CA ASN A 467 12.01 -26.05 11.27
C ASN A 467 13.14 -26.34 10.28
N ALA A 468 12.80 -26.95 9.13
CA ALA A 468 13.83 -27.19 8.10
C ALA A 468 14.61 -25.93 7.68
N CYS A 469 13.97 -24.79 7.79
CA CYS A 469 14.52 -23.50 7.34
C CYS A 469 15.57 -23.02 8.33
N ILE A 470 15.19 -23.03 9.61
CA ILE A 470 16.07 -22.79 10.73
C ILE A 470 17.25 -23.75 10.78
N ALA A 471 16.98 -25.03 10.50
CA ALA A 471 18.02 -26.06 10.58
C ALA A 471 19.09 -25.78 9.58
N LEU A 472 18.68 -25.59 8.34
CA LEU A 472 19.63 -25.28 7.28
C LEU A 472 20.40 -24.00 7.55
N SER A 473 19.71 -22.97 8.05
CA SER A 473 20.34 -21.66 8.27
C SER A 473 21.41 -21.75 9.36
N GLN A 474 21.10 -22.51 10.41
CA GLN A 474 22.03 -22.76 11.51
C GLN A 474 23.23 -23.56 11.05
N ARG A 475 23.05 -24.46 10.07
CA ARG A 475 24.22 -25.14 9.48
C ARG A 475 25.19 -24.21 8.76
N TRP A 476 24.64 -23.28 7.97
CA TRP A 476 25.50 -22.32 7.29
C TRP A 476 26.21 -21.42 8.32
N ILE A 477 25.48 -20.92 9.29
CA ILE A 477 26.01 -19.92 10.21
C ILE A 477 27.12 -20.51 11.08
N THR A 478 26.89 -21.73 11.61
CA THR A 478 27.91 -22.46 12.38
C THR A 478 28.98 -23.20 11.55
N ALA A 479 28.83 -23.23 10.22
CA ALA A 479 29.82 -23.95 9.42
C ALA A 479 31.15 -23.26 9.49
N LYS A 480 32.24 -24.04 9.51
CA LYS A 480 33.59 -23.51 9.26
C LYS A 480 34.01 -23.88 7.85
N GLU A 481 35.14 -23.36 7.40
CA GLU A 481 35.62 -23.64 6.04
C GLU A 481 35.61 -25.11 5.67
N ASP A 482 36.13 -25.98 6.54
CA ASP A 482 36.11 -27.42 6.27
C ASP A 482 34.71 -28.11 6.25
N ASP A 483 33.64 -27.40 6.61
CA ASP A 483 32.24 -27.87 6.42
C ASP A 483 31.54 -27.47 5.08
N LEU A 484 32.11 -26.51 4.38
CA LEU A 484 31.50 -25.98 3.17
C LEU A 484 31.29 -27.04 2.08
N ASN A 485 32.22 -28.01 1.96
CA ASN A 485 32.05 -29.16 1.05
C ASN A 485 30.77 -29.97 1.27
N SER A 486 30.27 -29.97 2.50
CA SER A 486 29.15 -30.84 2.86
C SER A 486 27.82 -30.32 2.30
N PHE A 487 27.85 -29.10 1.78
CA PHE A 487 26.66 -28.49 1.23
C PHE A 487 26.54 -28.87 -0.23
N ASN A 488 25.29 -29.00 -0.66
CA ASN A 488 24.97 -29.63 -1.89
C ASN A 488 23.58 -29.15 -2.31
N ALA A 489 23.30 -29.09 -3.62
CA ALA A 489 21.98 -28.68 -4.14
C ALA A 489 20.86 -29.45 -3.47
N THR A 490 21.09 -30.72 -3.16
CA THR A 490 20.03 -31.54 -2.54
C THR A 490 19.54 -30.99 -1.19
N ASP A 491 20.28 -30.09 -0.57
CA ASP A 491 19.82 -29.50 0.71
C ASP A 491 18.40 -28.83 0.54
N LEU A 492 18.14 -28.30 -0.65
CA LEU A 492 16.97 -27.48 -0.99
C LEU A 492 15.84 -28.32 -1.58
N LYS A 493 16.17 -29.58 -1.83
CA LYS A 493 15.31 -30.63 -2.38
C LYS A 493 13.85 -30.58 -1.90
N ASP A 494 13.62 -30.50 -0.60
CA ASP A 494 12.25 -30.55 -0.12
C ASP A 494 11.72 -29.21 0.40
N LEU A 495 12.36 -28.10 0.01
CA LEU A 495 11.90 -26.76 0.45
C LEU A 495 11.04 -26.13 -0.62
N SER A 496 9.90 -25.56 -0.24
CA SER A 496 9.07 -24.79 -1.20
C SER A 496 9.78 -23.44 -1.44
N SER A 497 9.32 -22.63 -2.41
CA SER A 497 9.90 -21.30 -2.57
C SER A 497 9.77 -20.47 -1.27
N HIS A 498 8.65 -20.67 -0.56
CA HIS A 498 8.42 -19.99 0.71
C HIS A 498 9.47 -20.36 1.75
N GLN A 499 9.83 -21.64 1.80
CA GLN A 499 10.83 -22.12 2.80
C GLN A 499 12.26 -21.69 2.46
N LEU A 500 12.53 -21.57 1.17
CA LEU A 500 13.79 -21.05 0.63
C LEU A 500 13.88 -19.57 0.99
N ASN A 501 12.76 -18.86 0.87
CA ASN A 501 12.75 -17.48 1.23
C ASN A 501 12.88 -17.33 2.77
N GLU A 502 12.25 -18.20 3.53
CA GLU A 502 12.44 -18.14 4.99
C GLU A 502 13.87 -18.56 5.43
N PHE A 503 14.51 -19.49 4.73
CA PHE A 503 15.89 -19.81 4.97
C PHE A 503 16.77 -18.57 4.78
N LEU A 504 16.53 -17.80 3.72
CA LEU A 504 17.38 -16.61 3.46
C LEU A 504 17.09 -15.53 4.44
N ALA A 505 15.80 -15.30 4.76
CA ALA A 505 15.39 -14.35 5.82
C ALA A 505 16.05 -14.63 7.18
N GLN A 506 16.07 -15.91 7.57
CA GLN A 506 16.75 -16.38 8.80
C GLN A 506 18.23 -16.11 8.77
N THR A 507 18.84 -16.42 7.64
CA THR A 507 20.28 -16.27 7.45
C THR A 507 20.70 -14.79 7.42
N LEU A 508 19.98 -14.02 6.59
CA LEU A 508 20.02 -12.56 6.59
C LEU A 508 19.94 -11.91 7.99
N GLN A 509 19.17 -12.46 8.92
CA GLN A 509 19.16 -11.89 10.27
C GLN A 509 20.53 -11.97 11.00
N ARG A 510 21.41 -12.88 10.55
CA ARG A 510 22.76 -12.99 11.14
C ARG A 510 23.86 -12.45 10.23
N ALA A 511 23.48 -11.78 9.16
CA ALA A 511 24.46 -11.32 8.16
C ALA A 511 25.30 -10.26 8.88
N PRO A 512 26.60 -10.08 8.52
CA PRO A 512 27.34 -10.75 7.43
C PRO A 512 27.73 -12.16 7.80
N LEU A 513 27.87 -13.01 6.79
CA LEU A 513 28.52 -14.31 6.96
C LEU A 513 29.87 -14.21 6.27
N PRO A 514 30.78 -15.18 6.50
CA PRO A 514 32.03 -15.03 5.74
C PRO A 514 31.74 -15.13 4.24
N LEU A 515 32.60 -14.48 3.45
CA LEU A 515 32.43 -14.30 2.06
C LEU A 515 32.62 -15.64 1.39
N GLY A 516 33.49 -16.48 1.94
CA GLY A 516 33.66 -17.84 1.39
C GLY A 516 32.39 -18.68 1.51
N HIS A 517 31.64 -18.51 2.60
CA HIS A 517 30.32 -19.18 2.75
C HIS A 517 29.31 -18.78 1.68
N ILE A 518 29.11 -17.48 1.51
CA ILE A 518 28.21 -16.92 0.49
C ILE A 518 28.59 -17.40 -0.93
N LYS A 519 29.89 -17.38 -1.24
CA LYS A 519 30.36 -17.88 -2.51
C LYS A 519 30.01 -19.33 -2.68
N ARG A 520 30.16 -20.12 -1.61
CA ARG A 520 29.85 -21.54 -1.68
C ARG A 520 28.35 -21.69 -1.91
N MET A 521 27.58 -20.90 -1.19
CA MET A 521 26.12 -20.90 -1.35
C MET A 521 25.70 -20.67 -2.80
N GLN A 522 26.35 -19.74 -3.48
CA GLN A 522 26.08 -19.55 -4.89
C GLN A 522 26.53 -20.82 -5.67
N GLU A 523 27.72 -21.34 -5.36
CA GLU A 523 28.27 -22.53 -6.01
C GLU A 523 27.27 -23.71 -5.99
N VAL A 524 26.72 -23.99 -4.81
CA VAL A 524 25.86 -25.17 -4.64
C VAL A 524 24.39 -24.93 -4.93
N TYR A 525 23.92 -23.71 -4.71
CA TYR A 525 22.49 -23.43 -4.83
C TYR A 525 22.11 -22.57 -6.02
N ASN A 526 23.05 -21.81 -6.57
CA ASN A 526 22.78 -21.03 -7.77
C ASN A 526 21.63 -20.06 -7.55
N PHE A 527 21.68 -19.37 -6.42
CA PHE A 527 20.59 -18.44 -6.07
C PHE A 527 20.57 -17.30 -7.09
N ASN A 528 21.70 -17.08 -7.78
CA ASN A 528 21.69 -16.05 -8.81
C ASN A 528 20.67 -16.30 -9.93
N ALA A 529 20.33 -17.57 -10.16
CA ALA A 529 19.40 -18.01 -11.23
C ALA A 529 17.93 -17.75 -10.89
N ILE A 530 17.68 -17.43 -9.62
CA ILE A 530 16.30 -17.33 -9.14
C ILE A 530 15.77 -15.93 -9.37
N ASN A 531 14.63 -15.87 -10.04
CA ASN A 531 14.02 -14.61 -10.45
C ASN A 531 12.81 -14.24 -9.61
N ASN A 532 12.42 -15.12 -8.69
CA ASN A 532 11.49 -14.74 -7.61
C ASN A 532 12.02 -13.52 -6.85
N SER A 533 11.30 -12.41 -6.98
CA SER A 533 11.73 -11.10 -6.43
C SER A 533 11.93 -11.11 -4.92
N GLU A 534 11.13 -11.86 -4.18
CA GLU A 534 11.36 -11.97 -2.71
C GLU A 534 12.67 -12.65 -2.34
N ILE A 535 12.91 -13.79 -2.97
CA ILE A 535 14.14 -14.54 -2.82
C ILE A 535 15.33 -13.74 -3.35
N ARG A 536 15.23 -13.25 -4.59
CA ARG A 536 16.37 -12.54 -5.16
C ARG A 536 16.73 -11.35 -4.25
N PHE A 537 15.71 -10.62 -3.81
CA PHE A 537 15.91 -9.53 -2.87
C PHE A 537 16.78 -9.93 -1.65
N ARG A 538 16.33 -10.91 -0.86
CA ARG A 538 17.03 -11.30 0.38
C ARG A 538 18.42 -11.90 0.11
N TRP A 539 18.59 -12.55 -1.04
CA TRP A 539 19.86 -13.12 -1.42
C TRP A 539 20.88 -12.04 -1.80
N LEU A 540 20.43 -11.00 -2.49
CA LEU A 540 21.36 -9.92 -2.85
C LEU A 540 21.72 -9.14 -1.60
N ARG A 541 20.76 -8.97 -0.68
CA ARG A 541 21.03 -8.28 0.55
C ARG A 541 22.18 -8.96 1.34
N LEU A 542 22.00 -10.24 1.61
CA LEU A 542 22.99 -11.15 2.20
C LEU A 542 24.37 -11.14 1.53
N CYS A 543 24.38 -11.05 0.21
CA CYS A 543 25.60 -10.96 -0.56
C CYS A 543 26.33 -9.64 -0.38
N ILE A 544 25.59 -8.51 -0.48
CA ILE A 544 26.14 -7.17 -0.26
C ILE A 544 26.62 -6.94 1.18
N GLN A 545 25.75 -7.27 2.15
CA GLN A 545 26.15 -7.24 3.58
C GLN A 545 27.34 -8.14 3.95
N SER A 546 27.53 -9.26 3.25
CA SER A 546 28.68 -10.13 3.47
C SER A 546 29.83 -9.74 2.52
N LYS A 547 29.66 -8.57 1.86
CA LYS A 547 30.75 -7.88 1.12
C LYS A 547 31.25 -8.61 -0.14
N TRP A 548 30.35 -9.25 -0.87
CA TRP A 548 30.65 -9.83 -2.17
C TRP A 548 30.50 -8.84 -3.31
N GLU A 549 31.62 -8.46 -3.94
CA GLU A 549 31.66 -7.43 -4.98
C GLU A 549 30.94 -7.85 -6.26
N ASP A 550 30.96 -9.15 -6.53
CA ASP A 550 30.27 -9.68 -7.71
C ASP A 550 28.81 -9.28 -7.67
N ALA A 551 28.30 -8.99 -6.48
CA ALA A 551 26.88 -8.86 -6.31
C ALA A 551 26.45 -7.39 -6.48
N ILE A 552 27.41 -6.48 -6.47
CA ILE A 552 27.11 -5.04 -6.70
C ILE A 552 26.29 -4.79 -7.98
N PRO A 553 26.78 -5.20 -9.19
CA PRO A 553 25.97 -4.91 -10.38
C PRO A 553 24.56 -5.55 -10.30
N LEU A 554 24.46 -6.73 -9.71
CA LEU A 554 23.19 -7.43 -9.63
C LEU A 554 22.27 -6.67 -8.68
N ALA A 555 22.81 -6.17 -7.56
CA ALA A 555 22.00 -5.39 -6.61
C ALA A 555 21.58 -3.99 -7.17
N LEU A 556 22.48 -3.31 -7.87
CA LEU A 556 22.20 -2.04 -8.55
C LEU A 556 21.10 -2.20 -9.60
N LYS A 557 21.18 -3.29 -10.34
CA LYS A 557 20.23 -3.62 -11.38
C LYS A 557 18.84 -3.88 -10.77
N MET A 558 18.76 -4.72 -9.73
CA MET A 558 17.44 -4.91 -9.12
C MET A 558 16.89 -3.61 -8.54
N ALA A 559 17.75 -2.80 -7.92
CA ALA A 559 17.32 -1.60 -7.19
C ALA A 559 16.64 -0.60 -8.12
N THR A 560 17.07 -0.58 -9.38
CA THR A 560 16.62 0.42 -10.39
C THR A 560 15.76 -0.15 -11.53
N GLU A 561 15.84 -1.45 -11.79
CA GLU A 561 14.93 -2.02 -12.80
C GLU A 561 13.46 -2.12 -12.40
N GLN A 562 13.20 -2.08 -11.10
CA GLN A 562 11.85 -2.00 -10.54
C GLN A 562 11.98 -1.01 -9.37
N GLY A 563 10.86 -0.59 -8.79
CA GLY A 563 10.89 0.48 -7.83
C GLY A 563 10.05 0.25 -6.60
N ARG A 564 9.68 -1.00 -6.37
CA ARG A 564 8.93 -1.39 -5.15
C ARG A 564 9.81 -1.07 -3.98
N MET A 565 9.39 -0.10 -3.18
CA MET A 565 10.27 0.44 -2.14
C MET A 565 10.74 -0.60 -1.12
N LYS A 566 9.90 -1.60 -0.86
CA LYS A 566 10.25 -2.77 -0.04
C LYS A 566 11.62 -3.37 -0.47
N PHE A 567 11.88 -3.34 -1.80
CA PHE A 567 13.14 -3.87 -2.39
C PHE A 567 14.18 -2.76 -2.74
N THR A 568 13.76 -1.73 -3.48
CA THR A 568 14.65 -0.62 -3.83
C THR A 568 15.29 0.13 -2.64
N ARG A 569 14.53 0.39 -1.59
CA ARG A 569 15.11 1.18 -0.50
C ARG A 569 16.26 0.48 0.23
N PRO A 570 16.06 -0.79 0.67
CA PRO A 570 17.14 -1.46 1.41
C PRO A 570 18.31 -1.88 0.54
N LEU A 571 18.05 -2.17 -0.73
CA LEU A 571 19.13 -2.49 -1.67
C LEU A 571 20.06 -1.24 -1.83
N PHE A 572 19.51 -0.06 -2.05
CA PHE A 572 20.32 1.17 -2.07
C PHE A 572 21.01 1.45 -0.73
N LYS A 573 20.32 1.32 0.41
CA LYS A 573 20.91 1.44 1.74
C LYS A 573 22.10 0.48 1.96
N ASP A 574 21.88 -0.81 1.70
CA ASP A 574 22.93 -1.83 1.72
C ASP A 574 24.11 -1.48 0.78
N LEU A 575 23.82 -1.15 -0.45
CA LEU A 575 24.89 -0.71 -1.38
C LEU A 575 25.64 0.58 -0.93
N ALA A 576 24.95 1.49 -0.27
CA ALA A 576 25.62 2.67 0.30
C ALA A 576 26.52 2.34 1.51
N ALA A 577 26.17 1.33 2.29
CA ALA A 577 26.85 1.01 3.55
C ALA A 577 28.08 0.15 3.26
N PHE A 578 28.12 -0.41 2.05
CA PHE A 578 29.29 -1.22 1.60
C PHE A 578 30.29 -0.25 0.95
N ASP A 579 31.52 -0.15 1.46
CA ASP A 579 32.40 0.91 0.95
C ASP A 579 32.76 0.77 -0.54
N LYS A 580 32.76 -0.46 -1.05
CA LYS A 580 33.11 -0.73 -2.45
C LYS A 580 32.06 -0.25 -3.42
N SER A 581 30.78 -0.20 -2.98
CA SER A 581 29.69 0.21 -3.88
C SER A 581 29.08 1.57 -3.50
N HIS A 582 29.56 2.18 -2.44
CA HIS A 582 28.97 3.42 -1.95
C HIS A 582 28.86 4.50 -2.99
N ASP A 583 29.96 4.85 -3.67
CA ASP A 583 29.98 5.97 -4.63
C ASP A 583 29.06 5.70 -5.83
N GLN A 584 29.04 4.45 -6.27
CA GLN A 584 28.20 4.01 -7.36
C GLN A 584 26.71 4.01 -7.01
N ALA A 585 26.36 3.56 -5.82
CA ALA A 585 25.00 3.69 -5.26
C ALA A 585 24.49 5.13 -5.31
N VAL A 586 25.24 6.04 -4.70
CA VAL A 586 24.90 7.49 -4.72
C VAL A 586 24.77 8.01 -6.14
N ARG A 587 25.73 7.67 -7.01
CA ARG A 587 25.75 8.11 -8.41
C ARG A 587 24.53 7.61 -9.21
N THR A 588 24.14 6.40 -8.93
CA THR A 588 23.08 5.72 -9.63
C THR A 588 21.72 6.32 -9.22
N TYR A 589 21.58 6.64 -7.93
CA TYR A 589 20.43 7.39 -7.45
C TYR A 589 20.30 8.76 -8.19
N GLN A 590 21.39 9.51 -8.26
CA GLN A 590 21.36 10.83 -8.89
C GLN A 590 20.99 10.75 -10.34
N GLU A 591 21.50 9.75 -11.04
CA GLU A 591 21.17 9.56 -12.43
C GLU A 591 19.74 9.10 -12.65
N HIS A 592 19.16 8.44 -11.66
CA HIS A 592 17.81 7.89 -11.83
C HIS A 592 16.73 8.74 -11.25
N LYS A 593 17.09 9.50 -10.21
CA LYS A 593 16.21 10.43 -9.47
C LYS A 593 15.09 11.09 -10.32
N ALA A 594 15.43 11.78 -11.42
CA ALA A 594 14.40 12.52 -12.20
C ALA A 594 13.29 11.61 -12.71
N SER A 595 13.66 10.37 -12.97
CA SER A 595 12.73 9.48 -13.63
C SER A 595 12.06 8.50 -12.64
N MET A 596 12.32 8.69 -11.35
CA MET A 596 11.78 7.84 -10.31
C MET A 596 10.40 8.34 -9.84
N HIS A 597 9.65 7.48 -9.15
CA HIS A 597 8.43 7.93 -8.50
C HIS A 597 8.78 9.02 -7.46
N PRO A 598 7.98 10.10 -7.41
CA PRO A 598 8.33 11.22 -6.55
C PRO A 598 8.54 10.84 -5.10
N VAL A 599 7.80 9.87 -4.57
CA VAL A 599 7.85 9.57 -3.14
C VAL A 599 9.07 8.69 -2.95
N THR A 600 9.26 7.75 -3.89
CA THR A 600 10.37 6.84 -3.90
C THR A 600 11.66 7.65 -3.96
N ALA A 601 11.80 8.56 -4.93
CA ALA A 601 12.98 9.45 -5.03
C ALA A 601 13.31 10.12 -3.71
N MET A 602 12.27 10.55 -3.01
CA MET A 602 12.38 11.36 -1.81
C MET A 602 12.98 10.54 -0.68
N LEU A 603 12.40 9.37 -0.43
CA LEU A 603 12.81 8.48 0.65
C LEU A 603 14.20 7.87 0.39
N VAL A 604 14.46 7.43 -0.85
CA VAL A 604 15.78 6.89 -1.19
C VAL A 604 16.81 7.99 -1.00
N GLY A 605 16.49 9.20 -1.45
CA GLY A 605 17.36 10.34 -1.21
C GLY A 605 17.69 10.62 0.25
N LYS A 606 16.69 10.68 1.11
CA LYS A 606 16.89 10.71 2.56
C LYS A 606 17.70 9.57 3.13
N ASP A 607 17.39 8.36 2.66
CA ASP A 607 18.06 7.13 3.06
C ASP A 607 19.58 7.21 2.80
N LEU A 608 19.94 7.77 1.65
CA LEU A 608 21.35 7.87 1.19
C LEU A 608 22.03 9.17 1.70
N LYS A 609 21.29 10.01 2.43
CA LYS A 609 21.79 11.33 2.86
C LYS A 609 22.15 12.21 1.69
N VAL A 610 21.47 12.04 0.56
CA VAL A 610 21.72 12.84 -0.63
C VAL A 610 20.45 13.62 -0.97
ZN ZN B . -2.50 -3.11 3.36
YB YB C . 35.92 -28.54 11.36
C1 80A D . -0.18 5.22 6.31
C2 80A D . -0.15 5.01 4.93
C3 80A D . 1.04 5.31 4.27
C4 80A D . 2.13 5.79 4.99
C5 80A D . 2.10 5.97 6.36
C6 80A D . 0.94 5.67 7.03
C7 80A D . 0.88 5.91 8.50
O8 80A D . -0.53 5.98 8.80
C9 80A D . 1.57 5.02 9.50
C14 80A D . 0.93 4.69 10.69
C13 80A D . 1.52 3.90 11.65
N12 80A D . 2.75 3.46 11.43
C11 80A D . 3.42 3.76 10.31
C10 80A D . 2.86 4.56 9.32
O15 80A D . 1.19 5.18 2.92
C16 80A D . 0.50 4.19 2.20
C17 80A D . 1.30 3.71 0.99
N23 80A D . 0.77 2.37 0.76
C19 80A D . -0.04 2.11 -0.40
C20 80A D . -0.24 0.58 -0.33
C21 80A D . 0.59 0.02 0.81
C22 80A D . 0.99 1.23 1.65
C ACT E . 37.22 -26.07 12.45
O ACT E . 37.11 -26.48 11.26
OXT ACT E . 36.69 -26.81 13.36
CH3 ACT E . 37.97 -24.79 12.75
N1 IMD F . 12.06 -12.27 8.84
C2 IMD F . 11.19 -13.17 8.32
N3 IMD F . 11.54 -14.39 8.75
C4 IMD F . 12.58 -14.30 9.61
C5 IMD F . 12.92 -12.95 9.63
N1 IMD G . 7.38 -17.53 -1.95
C2 IMD G . 6.98 -16.58 -1.05
N3 IMD G . 7.95 -15.68 -0.95
C4 IMD G . 8.97 -16.06 -1.75
C5 IMD G . 8.61 -17.23 -2.38
#